data_6OK0
#
_entry.id   6OK0
#
_cell.length_a   42.768
_cell.length_b   68.587
_cell.length_c   74.365
_cell.angle_alpha   68.540
_cell.angle_beta   79.250
_cell.angle_gamma   89.970
#
_symmetry.space_group_name_H-M   'P 1'
#
loop_
_entity.id
_entity.type
_entity.pdbx_description
1 polymer 'Sel1 repeat protein'
2 polymer 'Sel1 repeat protein'
3 polymer 'Sel1 repeat protein'
4 polymer 'Sel1 repeat protein'
5 non-polymer 'TRIETHYLENE GLYCOL'
6 non-polymer 'CHLORIDE ION'
7 non-polymer IMIDAZOLE
8 water water
#
loop_
_entity_poly.entity_id
_entity_poly.type
_entity_poly.pdbx_seq_one_letter_code
_entity_poly.pdbx_strand_id
1 'polypeptide(L)'
;MALADGAAAPVAVTSYAQQPLKLVQE(MLY)ASDGDGSAELELGLRYVFGSDGVKNVPLGVSWIN(MLY)AALKGIPQAE
HE(MSE)GSLYL(MSE)GIGVAQSNV(MSE)AVAWYR(MLY)AAIQGYAPSQTA(MSE)GYAYEEGAGVPQDADLARYWF
D(MLZ)AAAQGNGIAVESLEGGM
;
A
2 'polypeptide(L)'
;MALADGAAAPVAVTSYAQQPLKLVQEKASDGDGSAELELGLRYVFGSDGVKNVPLGVSWINKAALKGIPQAEHE(MSE)G
SLYL(MSE)GIGVAQSNV(MSE)AVAWYR(MLY)AAIQGYAPSQTA(MSE)GYAYEEGAGVPQDADLARYWFD(MLY)AA
AQGNGIAVESLEGGM
;
B
3 'polypeptide(L)'
;MALADGAAAPVAVTSYAQQPL(MLZ)LVQE(MLZ)ASDGDGSAELELGLRYVFGSDGVKNVPLGVSWIN(MLZ)AALKGI
PQAEHE(MSE)GSLYL(MSE)GIGVAQSNV(MSE)AVAWYR(MLY)AAIQGYAPSQTA(MSE)GYAYEEGAGVPQDADLA
RYWFD(MLY)AAAQGNGIAVESLEGGM
;
C
4 'polypeptide(L)'
;MALADGAAAPVAVTSYAQQPLKLVQEKASDGDGSAELELGLRYVFGSDGVKNVPLGVSWIN(MLZ)AALKGIPQAEHE
(MSE)GSLYL(MSE)GIGVAQSNV(MSE)AVAWYR(MLY)AAIQGYAPSQTA(MSE)GYAYEEGAGVPQDADLARYWFD
(MLY)AAAQGNGIAVESLEGGM
;
D
#
# COMPACT_ATOMS: atom_id res chain seq x y z
N ALA A 9 -0.47 -13.78 -21.81
CA ALA A 9 -0.19 -13.92 -20.38
C ALA A 9 0.15 -15.35 -19.93
N PRO A 10 -0.69 -16.35 -20.25
CA PRO A 10 -0.46 -17.69 -19.68
C PRO A 10 0.83 -18.32 -20.21
N VAL A 11 1.68 -18.75 -19.29
CA VAL A 11 2.92 -19.44 -19.63
C VAL A 11 2.87 -20.93 -19.34
N ALA A 12 1.84 -21.40 -18.64
CA ALA A 12 1.77 -22.79 -18.24
C ALA A 12 1.30 -23.68 -19.39
N VAL A 13 1.90 -24.87 -19.48
CA VAL A 13 1.52 -25.87 -20.46
C VAL A 13 1.27 -27.17 -19.69
N THR A 14 0.00 -27.54 -19.56
CA THR A 14 -0.35 -28.70 -18.75
C THR A 14 -0.24 -29.98 -19.59
N SER A 15 -0.34 -31.12 -18.90
CA SER A 15 -0.36 -32.41 -19.57
C SER A 15 -1.65 -32.65 -20.34
N TYR A 16 -2.66 -31.80 -20.15
CA TYR A 16 -3.92 -31.87 -20.89
C TYR A 16 -3.97 -30.87 -22.03
N ALA A 17 -2.82 -30.51 -22.60
N ALA A 17 -2.83 -30.54 -22.63
CA ALA A 17 -2.81 -29.64 -23.76
CA ALA A 17 -2.70 -29.45 -23.58
C ALA A 17 -3.28 -30.41 -24.99
C ALA A 17 -3.72 -29.50 -24.71
N GLN A 18 -4.12 -29.77 -25.79
N GLN A 18 -3.53 -30.41 -25.67
CA GLN A 18 -4.72 -30.32 -27.01
CA GLN A 18 -4.39 -30.51 -26.85
C GLN A 18 -5.65 -31.50 -26.74
C GLN A 18 -5.45 -31.60 -26.69
N GLN A 19 -5.93 -31.82 -25.49
CA GLN A 19 -6.93 -32.84 -25.21
C GLN A 19 -8.33 -32.29 -25.48
N PRO A 20 -9.29 -33.16 -25.81
CA PRO A 20 -10.66 -32.68 -26.04
C PRO A 20 -11.25 -32.08 -24.78
N LEU A 21 -12.09 -31.05 -24.97
CA LEU A 21 -12.66 -30.33 -23.84
C LEU A 21 -13.48 -31.24 -22.94
N LYS A 22 -14.16 -32.23 -23.52
CA LYS A 22 -14.98 -33.12 -22.70
C LYS A 22 -14.14 -33.91 -21.71
N LEU A 23 -12.97 -34.38 -22.14
CA LEU A 23 -12.10 -35.12 -21.23
C LEU A 23 -11.54 -34.22 -20.14
N VAL A 24 -11.19 -32.97 -20.48
CA VAL A 24 -10.64 -32.06 -19.49
C VAL A 24 -11.68 -31.74 -18.42
N GLN A 25 -12.93 -31.55 -18.84
CA GLN A 25 -13.99 -31.23 -17.88
C GLN A 25 -14.27 -32.39 -16.93
N GLU A 26 -14.13 -33.63 -17.40
CA GLU A 26 -14.42 -34.80 -16.59
C GLU A 26 -13.33 -35.07 -15.55
N ALA A 28 -11.25 -32.75 -14.46
CA ALA A 28 -11.23 -31.59 -13.58
C ALA A 28 -12.25 -31.79 -12.46
N SER A 29 -13.41 -32.34 -12.81
CA SER A 29 -14.44 -32.61 -11.81
C SER A 29 -14.05 -33.75 -10.88
N ASP A 30 -13.15 -34.63 -11.31
CA ASP A 30 -12.67 -35.73 -10.47
C ASP A 30 -11.60 -35.30 -9.49
N GLY A 31 -11.01 -34.11 -9.66
CA GLY A 31 -9.98 -33.62 -8.77
C GLY A 31 -8.58 -33.60 -9.33
N ASP A 32 -8.41 -33.88 -10.63
CA ASP A 32 -7.09 -33.82 -11.26
C ASP A 32 -6.65 -32.36 -11.33
N GLY A 33 -5.60 -32.03 -10.57
CA GLY A 33 -5.14 -30.64 -10.51
C GLY A 33 -4.67 -30.12 -11.86
N SER A 34 -3.98 -30.98 -12.62
CA SER A 34 -3.54 -30.58 -13.96
C SER A 34 -4.73 -30.32 -14.88
N ALA A 35 -5.81 -31.10 -14.72
CA ALA A 35 -6.99 -30.88 -15.55
C ALA A 35 -7.76 -29.65 -15.10
N GLU A 36 -7.78 -29.39 -13.79
CA GLU A 36 -8.41 -28.16 -13.29
C GLU A 36 -7.70 -26.92 -13.84
N LEU A 37 -6.36 -26.97 -13.92
CA LEU A 37 -5.62 -25.84 -14.45
C LEU A 37 -5.87 -25.68 -15.95
N GLU A 38 -5.87 -26.79 -16.70
CA GLU A 38 -6.11 -26.71 -18.13
C GLU A 38 -7.51 -26.19 -18.43
N LEU A 39 -8.51 -26.66 -17.68
CA LEU A 39 -9.87 -26.18 -17.89
C LEU A 39 -9.99 -24.69 -17.54
N GLY A 40 -9.33 -24.26 -16.47
CA GLY A 40 -9.36 -22.86 -16.10
C GLY A 40 -8.69 -21.96 -17.13
N LEU A 41 -7.59 -22.44 -17.71
CA LEU A 41 -6.90 -21.65 -18.73
C LEU A 41 -7.75 -21.50 -19.98
N ARG A 42 -8.48 -22.56 -20.37
CA ARG A 42 -9.33 -22.47 -21.55
C ARG A 42 -10.52 -21.55 -21.31
N TYR A 43 -11.09 -21.57 -20.10
CA TYR A 43 -12.22 -20.70 -19.82
C TYR A 43 -11.82 -19.24 -19.76
N VAL A 44 -10.60 -18.95 -19.31
CA VAL A 44 -10.15 -17.56 -19.15
C VAL A 44 -9.55 -17.02 -20.44
N PHE A 45 -8.72 -17.81 -21.12
CA PHE A 45 -7.96 -17.34 -22.28
C PHE A 45 -8.38 -17.97 -23.59
N GLY A 46 -9.36 -18.87 -23.59
CA GLY A 46 -9.79 -19.52 -24.81
C GLY A 46 -10.60 -18.59 -25.69
N SER A 47 -11.04 -19.14 -26.82
CA SER A 47 -11.83 -18.39 -27.78
C SER A 47 -13.23 -18.13 -27.21
N ASP A 48 -14.00 -17.32 -27.95
CA ASP A 48 -15.33 -16.92 -27.48
C ASP A 48 -16.28 -18.09 -27.30
N GLY A 49 -16.04 -19.21 -28.00
CA GLY A 49 -16.93 -20.35 -27.87
C GLY A 49 -16.87 -21.02 -26.51
N VAL A 50 -15.72 -20.92 -25.83
CA VAL A 50 -15.51 -21.57 -24.55
C VAL A 50 -15.13 -20.58 -23.45
N LYS A 51 -15.09 -19.28 -23.76
N LYS A 51 -15.09 -19.28 -23.76
CA LYS A 51 -14.63 -18.29 -22.80
CA LYS A 51 -14.60 -18.31 -22.79
C LYS A 51 -15.64 -18.14 -21.67
C LYS A 51 -15.62 -18.12 -21.67
N ASN A 52 -15.14 -18.20 -20.42
CA ASN A 52 -15.99 -17.95 -19.25
C ASN A 52 -15.03 -17.63 -18.10
N VAL A 53 -14.68 -16.34 -18.00
CA VAL A 53 -13.64 -15.93 -17.05
C VAL A 53 -13.99 -16.24 -15.60
N PRO A 54 -15.20 -15.95 -15.11
CA PRO A 54 -15.50 -16.27 -13.70
C PRO A 54 -15.36 -17.75 -13.38
N LEU A 55 -15.77 -18.64 -14.29
CA LEU A 55 -15.61 -20.07 -14.03
C LEU A 55 -14.15 -20.50 -14.12
N GLY A 56 -13.40 -19.94 -15.07
CA GLY A 56 -12.00 -20.31 -15.22
C GLY A 56 -11.16 -19.89 -14.03
N VAL A 57 -11.47 -18.73 -13.44
CA VAL A 57 -10.73 -18.28 -12.26
C VAL A 57 -10.90 -19.28 -11.13
N SER A 58 -12.11 -19.82 -10.96
CA SER A 58 -12.34 -20.80 -9.91
C SER A 58 -11.60 -22.11 -10.18
N TRP A 59 -11.42 -22.47 -11.45
CA TRP A 59 -10.70 -23.69 -11.78
C TRP A 59 -9.20 -23.51 -11.61
N ILE A 60 -8.67 -22.36 -12.03
CA ILE A 60 -7.25 -22.07 -11.81
C ILE A 60 -6.96 -21.99 -10.32
N ASN A 61 -7.87 -21.41 -9.56
CA ASN A 61 -7.68 -21.23 -8.13
C ASN A 61 -7.71 -22.55 -7.38
N ALA A 63 -6.66 -25.45 -8.60
CA ALA A 63 -5.37 -26.08 -8.86
C ALA A 63 -4.26 -25.39 -8.07
N ALA A 64 -4.39 -24.08 -7.91
CA ALA A 64 -3.38 -23.33 -7.15
C ALA A 64 -3.44 -23.63 -5.67
N LEU A 65 -4.64 -23.89 -5.13
CA LEU A 65 -4.76 -24.25 -3.73
C LEU A 65 -4.15 -25.60 -3.42
N LYS A 66 -3.86 -26.40 -4.44
CA LYS A 66 -3.17 -27.67 -4.28
C LYS A 66 -1.65 -27.53 -4.24
N GLY A 67 -1.14 -26.32 -4.45
CA GLY A 67 0.29 -26.09 -4.43
C GLY A 67 1.00 -26.26 -5.75
N ILE A 68 0.26 -26.45 -6.85
CA ILE A 68 0.85 -26.61 -8.17
C ILE A 68 1.52 -25.30 -8.57
N PRO A 69 2.85 -25.28 -8.77
CA PRO A 69 3.52 -24.00 -9.05
C PRO A 69 3.05 -23.34 -10.34
N GLN A 70 2.76 -24.13 -11.38
CA GLN A 70 2.25 -23.55 -12.62
C GLN A 70 0.89 -22.89 -12.41
N ALA A 71 0.09 -23.40 -11.48
CA ALA A 71 -1.22 -22.79 -11.21
C ALA A 71 -1.08 -21.59 -10.28
N GLU A 72 -0.15 -21.63 -9.33
CA GLU A 72 0.08 -20.49 -8.46
C GLU A 72 0.59 -19.30 -9.26
N HIS A 73 1.43 -19.54 -10.27
CA HIS A 73 1.92 -18.46 -11.11
C HIS A 73 0.79 -17.78 -11.87
N GLU A 74 -0.13 -18.57 -12.43
CA GLU A 74 -1.21 -17.99 -13.21
C GLU A 74 -2.18 -17.20 -12.33
N GLY A 76 -1.21 -15.48 -9.74
CA GLY A 76 -0.51 -14.22 -9.58
C GLY A 76 -0.68 -13.31 -10.78
N SER A 77 -0.64 -13.87 -11.98
CA SER A 77 -0.84 -13.07 -13.18
C SER A 77 -2.27 -12.55 -13.27
N LEU A 78 -3.24 -13.29 -12.73
CA LEU A 78 -4.61 -12.79 -12.72
C LEU A 78 -4.75 -11.58 -11.80
N TYR A 79 -4.21 -11.68 -10.58
CA TYR A 79 -4.27 -10.54 -9.66
C TYR A 79 -3.40 -9.39 -10.15
N LEU A 80 -2.31 -9.70 -10.85
CA LEU A 80 -1.43 -8.64 -11.35
C LEU A 80 -2.10 -7.82 -12.43
N GLY A 82 -5.60 -8.00 -13.03
CA GLY A 82 -7.01 -7.83 -12.75
C GLY A 82 -7.92 -8.56 -13.71
N ILE A 83 -7.59 -9.80 -14.07
CA ILE A 83 -8.39 -10.61 -14.98
C ILE A 83 -9.27 -11.52 -14.14
N GLY A 84 -10.57 -11.25 -14.12
CA GLY A 84 -11.50 -12.01 -13.33
C GLY A 84 -11.44 -11.76 -11.83
N VAL A 85 -10.46 -10.99 -11.37
CA VAL A 85 -10.33 -10.64 -9.96
C VAL A 85 -10.00 -9.15 -9.87
N ALA A 86 -10.20 -8.58 -8.69
CA ALA A 86 -9.78 -7.21 -8.45
C ALA A 86 -8.26 -7.12 -8.48
N GLN A 87 -7.73 -6.19 -9.26
CA GLN A 87 -6.29 -6.06 -9.41
C GLN A 87 -5.63 -5.80 -8.05
N SER A 88 -4.54 -6.51 -7.79
CA SER A 88 -3.85 -6.40 -6.51
C SER A 88 -2.40 -6.82 -6.68
N ASN A 89 -1.47 -5.86 -6.57
CA ASN A 89 -0.06 -6.21 -6.60
C ASN A 89 0.34 -7.06 -5.40
N VAL A 90 -0.32 -6.85 -4.25
CA VAL A 90 0.02 -7.61 -3.05
C VAL A 90 -0.37 -9.08 -3.21
N ALA A 92 -0.90 -10.61 -6.00
CA ALA A 92 -0.11 -11.17 -7.10
C ALA A 92 1.23 -11.68 -6.60
N VAL A 93 1.90 -10.89 -5.76
CA VAL A 93 3.17 -11.34 -5.16
C VAL A 93 2.93 -12.53 -4.25
N ALA A 94 1.79 -12.54 -3.54
CA ALA A 94 1.49 -13.66 -2.64
C ALA A 94 1.44 -14.97 -3.39
N TRP A 95 0.89 -14.98 -4.61
CA TRP A 95 0.85 -16.19 -5.40
C TRP A 95 2.17 -16.45 -6.12
N TYR A 96 2.81 -15.39 -6.63
CA TYR A 96 4.12 -15.55 -7.26
C TYR A 96 5.14 -16.10 -6.28
N ARG A 97 5.12 -15.62 -5.04
CA ARG A 97 6.07 -16.04 -4.01
C ARG A 97 5.98 -17.54 -3.74
N ALA A 99 5.04 -19.91 -5.80
CA ALA A 99 5.59 -20.67 -6.90
C ALA A 99 7.09 -20.45 -7.04
N ALA A 100 7.53 -19.21 -6.78
CA ALA A 100 8.96 -18.91 -6.89
C ALA A 100 9.76 -19.64 -5.83
N ILE A 101 9.21 -19.79 -4.63
CA ILE A 101 9.92 -20.48 -3.55
C ILE A 101 10.05 -21.97 -3.84
N GLN A 102 9.23 -22.52 -4.73
CA GLN A 102 9.34 -23.91 -5.14
C GLN A 102 10.29 -24.11 -6.30
N GLY A 103 10.81 -23.04 -6.89
CA GLY A 103 11.75 -23.13 -7.98
C GLY A 103 11.18 -22.86 -9.37
N TYR A 104 9.96 -22.36 -9.46
CA TYR A 104 9.34 -22.07 -10.75
C TYR A 104 9.94 -20.79 -11.32
N ALA A 105 10.63 -20.93 -12.45
CA ALA A 105 11.39 -19.81 -13.00
C ALA A 105 10.53 -18.61 -13.42
N PRO A 106 9.39 -18.78 -14.11
CA PRO A 106 8.59 -17.60 -14.47
C PRO A 106 8.13 -16.80 -13.26
N SER A 107 7.90 -17.44 -12.11
CA SER A 107 7.49 -16.71 -10.92
C SER A 107 8.68 -16.00 -10.27
N GLN A 108 9.87 -16.62 -10.32
CA GLN A 108 11.06 -15.96 -9.82
C GLN A 108 11.37 -14.70 -10.61
N THR A 109 11.14 -14.74 -11.93
CA THR A 109 11.28 -13.53 -12.73
C THR A 109 10.23 -12.49 -12.36
N ALA A 110 8.99 -12.93 -12.11
CA ALA A 110 7.95 -12.01 -11.72
C ALA A 110 8.26 -11.37 -10.37
N GLY A 112 11.22 -10.70 -9.33
CA GLY A 112 12.24 -9.70 -9.59
C GLY A 112 11.66 -8.38 -10.05
N TYR A 113 10.72 -8.43 -10.99
CA TYR A 113 10.07 -7.20 -11.45
C TYR A 113 9.26 -6.55 -10.33
N ALA A 114 8.72 -7.35 -9.42
CA ALA A 114 7.96 -6.78 -8.30
C ALA A 114 8.86 -5.97 -7.38
N TYR A 115 10.05 -6.49 -7.06
CA TYR A 115 10.95 -5.77 -6.17
C TYR A 115 11.59 -4.57 -6.87
N GLU A 116 11.79 -4.65 -8.19
CA GLU A 116 12.41 -3.53 -8.90
C GLU A 116 11.53 -2.29 -8.88
N GLU A 117 10.23 -2.46 -9.12
N GLU A 117 10.23 -2.46 -9.12
CA GLU A 117 9.31 -1.33 -9.15
CA GLU A 117 9.31 -1.33 -9.15
C GLU A 117 8.58 -1.13 -7.82
C GLU A 117 8.59 -1.12 -7.81
N GLY A 118 8.68 -2.07 -6.88
CA GLY A 118 7.99 -1.95 -5.62
C GLY A 118 6.49 -2.22 -5.72
N ALA A 119 6.09 -3.20 -6.53
CA ALA A 119 4.69 -3.54 -6.70
C ALA A 119 4.35 -4.72 -5.80
N GLY A 120 3.56 -4.47 -4.76
CA GLY A 120 3.23 -5.48 -3.78
C GLY A 120 4.31 -5.75 -2.74
N VAL A 121 5.49 -5.16 -2.90
CA VAL A 121 6.60 -5.33 -1.96
C VAL A 121 7.33 -4.00 -1.86
N PRO A 122 8.10 -3.80 -0.79
CA PRO A 122 9.00 -2.64 -0.75
C PRO A 122 10.02 -2.70 -1.88
N GLN A 123 10.20 -1.57 -2.56
CA GLN A 123 11.15 -1.52 -3.66
C GLN A 123 12.56 -1.83 -3.17
N ASP A 124 13.20 -2.79 -3.82
CA ASP A 124 14.53 -3.25 -3.41
C ASP A 124 15.24 -3.80 -4.64
N ALA A 125 16.22 -3.05 -5.15
CA ALA A 125 16.94 -3.48 -6.35
C ALA A 125 17.78 -4.73 -6.09
N ASP A 126 18.35 -4.85 -4.88
CA ASP A 126 19.15 -6.03 -4.58
C ASP A 126 18.28 -7.27 -4.42
N LEU A 127 17.10 -7.13 -3.83
CA LEU A 127 16.16 -8.25 -3.79
C LEU A 127 15.60 -8.56 -5.16
N ALA A 128 15.46 -7.54 -6.02
CA ALA A 128 15.09 -7.78 -7.41
C ALA A 128 16.14 -8.64 -8.11
N ARG A 129 17.42 -8.32 -7.90
CA ARG A 129 18.50 -9.10 -8.50
C ARG A 129 18.52 -10.53 -7.94
N TYR A 130 18.22 -10.69 -6.65
CA TYR A 130 18.19 -12.02 -6.05
C TYR A 130 17.22 -12.93 -6.78
N TRP A 131 16.00 -12.45 -7.04
CA TRP A 131 15.02 -13.26 -7.74
C TRP A 131 15.30 -13.32 -9.24
N PHE A 132 15.82 -12.24 -9.82
CA PHE A 132 16.22 -12.28 -11.23
C PHE A 132 17.30 -13.33 -11.47
N ASP A 133 18.30 -13.38 -10.60
CA ASP A 133 19.42 -14.30 -10.77
C ASP A 133 19.02 -15.75 -10.51
N ALA A 135 16.18 -17.14 -11.43
CA ALA A 135 15.61 -17.61 -12.68
C ALA A 135 16.70 -17.78 -13.74
N ALA A 136 17.73 -16.93 -13.67
CA ALA A 136 18.84 -17.01 -14.62
C ALA A 136 19.66 -18.27 -14.42
N ALA A 137 19.80 -18.73 -13.17
CA ALA A 137 20.58 -19.93 -12.90
C ALA A 137 19.94 -21.19 -13.47
N GLN A 138 18.64 -21.17 -13.74
CA GLN A 138 17.96 -22.32 -14.31
C GLN A 138 18.09 -22.40 -15.83
N GLY A 139 18.51 -21.33 -16.49
CA GLY A 139 18.65 -21.34 -17.93
C GLY A 139 19.90 -22.02 -18.43
N ALA B 9 -17.49 21.48 -19.55
CA ALA B 9 -16.37 21.29 -20.46
C ALA B 9 -15.12 20.85 -19.70
N PRO B 10 -14.43 19.84 -20.21
CA PRO B 10 -13.24 19.33 -19.52
C PRO B 10 -12.04 20.22 -19.70
N VAL B 11 -11.19 20.24 -18.67
CA VAL B 11 -9.91 20.94 -18.75
C VAL B 11 -8.81 20.03 -19.27
N ALA B 12 -8.92 18.73 -19.03
CA ALA B 12 -7.88 17.79 -19.44
C ALA B 12 -7.84 17.63 -20.96
N VAL B 13 -6.64 17.50 -21.50
CA VAL B 13 -6.42 17.23 -22.91
C VAL B 13 -5.49 16.03 -23.00
N THR B 14 -6.02 14.88 -23.39
CA THR B 14 -5.23 13.67 -23.49
C THR B 14 -4.53 13.59 -24.84
N SER B 15 -3.64 12.60 -24.97
CA SER B 15 -2.98 12.35 -26.23
C SER B 15 -3.90 11.67 -27.25
N TYR B 16 -5.10 11.27 -26.84
CA TYR B 16 -6.08 10.66 -27.74
C TYR B 16 -7.20 11.63 -28.12
N ALA B 17 -6.95 12.94 -28.03
CA ALA B 17 -8.00 13.91 -28.31
C ALA B 17 -8.42 13.94 -29.77
N GLN B 18 -7.55 13.51 -30.68
CA GLN B 18 -7.83 13.54 -32.11
C GLN B 18 -7.80 12.14 -32.72
N GLN B 19 -8.09 11.12 -31.92
CA GLN B 19 -8.05 9.76 -32.42
C GLN B 19 -9.48 9.22 -32.63
N PRO B 20 -9.64 8.26 -33.53
CA PRO B 20 -10.97 7.68 -33.74
C PRO B 20 -11.51 7.03 -32.47
N LEU B 21 -12.84 6.98 -32.37
CA LEU B 21 -13.48 6.46 -31.17
C LEU B 21 -13.11 5.00 -30.93
N LYS B 22 -13.13 4.18 -31.99
CA LYS B 22 -12.85 2.77 -31.82
C LYS B 22 -11.40 2.52 -31.43
N LEU B 23 -10.48 3.37 -31.88
CA LEU B 23 -9.09 3.25 -31.47
C LEU B 23 -8.94 3.54 -29.97
N VAL B 24 -9.66 4.52 -29.46
CA VAL B 24 -9.60 4.84 -28.04
C VAL B 24 -10.24 3.73 -27.22
N GLN B 25 -11.30 3.12 -27.74
CA GLN B 25 -11.97 2.04 -27.02
C GLN B 25 -11.08 0.82 -26.87
N GLU B 26 -10.22 0.54 -27.86
CA GLU B 26 -9.31 -0.59 -27.74
C GLU B 26 -8.20 -0.29 -26.74
N LYS B 27 -7.64 0.91 -26.78
CA LYS B 27 -6.60 1.28 -25.82
C LYS B 27 -7.16 1.36 -24.41
N ALA B 28 -8.41 1.83 -24.27
CA ALA B 28 -9.03 1.89 -22.95
C ALA B 28 -9.28 0.49 -22.40
N SER B 29 -9.58 -0.48 -23.26
CA SER B 29 -9.71 -1.87 -22.85
C SER B 29 -8.37 -2.53 -22.57
N ASP B 30 -7.27 -1.93 -23.02
CA ASP B 30 -5.92 -2.43 -22.73
C ASP B 30 -5.33 -1.83 -21.45
N GLY B 31 -6.13 -1.12 -20.67
CA GLY B 31 -5.64 -0.55 -19.43
C GLY B 31 -4.82 0.70 -19.58
N ASP B 32 -5.08 1.50 -20.60
CA ASP B 32 -4.37 2.77 -20.81
C ASP B 32 -5.10 3.87 -20.07
N GLY B 33 -4.37 4.58 -19.20
CA GLY B 33 -4.99 5.62 -18.40
C GLY B 33 -5.47 6.80 -19.22
N SER B 34 -4.66 7.25 -20.19
CA SER B 34 -5.05 8.37 -21.03
C SER B 34 -6.22 8.03 -21.92
N ALA B 35 -6.30 6.77 -22.38
CA ALA B 35 -7.42 6.37 -23.23
C ALA B 35 -8.71 6.24 -22.43
N GLU B 36 -8.62 5.73 -21.19
CA GLU B 36 -9.80 5.65 -20.34
C GLU B 36 -10.33 7.04 -20.00
N LEU B 37 -9.43 7.99 -19.73
CA LEU B 37 -9.86 9.36 -19.49
C LEU B 37 -10.48 9.97 -20.74
N GLU B 38 -9.85 9.78 -21.90
CA GLU B 38 -10.40 10.30 -23.15
C GLU B 38 -11.76 9.70 -23.46
N LEU B 39 -11.91 8.39 -23.23
CA LEU B 39 -13.18 7.74 -23.48
C LEU B 39 -14.28 8.28 -22.57
N GLY B 40 -13.93 8.60 -21.33
CA GLY B 40 -14.92 9.16 -20.42
C GLY B 40 -15.29 10.59 -20.77
N LEU B 41 -14.31 11.38 -21.21
CA LEU B 41 -14.59 12.77 -21.58
C LEU B 41 -15.52 12.85 -22.78
N ARG B 42 -15.42 11.89 -23.70
CA ARG B 42 -16.31 11.88 -24.86
C ARG B 42 -17.70 11.41 -24.49
N TYR B 43 -17.80 10.40 -23.62
CA TYR B 43 -19.12 9.90 -23.22
C TYR B 43 -19.88 10.89 -22.35
N VAL B 44 -19.19 11.79 -21.66
CA VAL B 44 -19.82 12.75 -20.76
C VAL B 44 -20.06 14.09 -21.46
N PHE B 45 -19.04 14.62 -22.13
CA PHE B 45 -19.13 15.96 -22.71
C PHE B 45 -19.24 15.98 -24.22
N GLY B 46 -19.04 14.85 -24.90
CA GLY B 46 -19.07 14.82 -26.34
C GLY B 46 -20.47 15.02 -26.90
N SER B 47 -20.56 14.92 -28.22
CA SER B 47 -21.83 15.08 -28.91
C SER B 47 -22.79 13.95 -28.54
N ASP B 48 -24.08 14.19 -28.79
CA ASP B 48 -25.11 13.24 -28.40
C ASP B 48 -25.04 11.93 -29.18
N GLY B 49 -24.31 11.90 -30.29
CA GLY B 49 -24.11 10.65 -31.00
C GLY B 49 -23.24 9.68 -30.23
N VAL B 50 -22.38 10.19 -29.35
CA VAL B 50 -21.52 9.36 -28.53
C VAL B 50 -21.79 9.54 -27.03
N LYS B 51 -22.65 10.48 -26.66
CA LYS B 51 -22.82 10.83 -25.25
C LYS B 51 -23.44 9.67 -24.47
N ASN B 52 -22.85 9.37 -23.31
CA ASN B 52 -23.37 8.34 -22.41
C ASN B 52 -22.78 8.65 -21.03
N VAL B 53 -23.46 9.52 -20.28
CA VAL B 53 -22.87 10.06 -19.06
C VAL B 53 -22.60 8.99 -18.01
N PRO B 54 -23.54 8.10 -17.67
CA PRO B 54 -23.21 7.08 -16.64
C PRO B 54 -22.01 6.23 -16.98
N LEU B 55 -21.87 5.82 -18.24
CA LEU B 55 -20.70 5.05 -18.64
C LEU B 55 -19.44 5.92 -18.67
N GLY B 56 -19.58 7.19 -19.03
CA GLY B 56 -18.42 8.08 -19.06
C GLY B 56 -17.86 8.36 -17.67
N VAL B 57 -18.75 8.54 -16.68
CA VAL B 57 -18.29 8.72 -15.31
C VAL B 57 -17.56 7.48 -14.83
N SER B 58 -17.99 6.30 -15.30
CA SER B 58 -17.28 5.07 -14.94
C SER B 58 -15.86 5.06 -15.50
N TRP B 59 -15.70 5.49 -16.75
CA TRP B 59 -14.37 5.49 -17.37
C TRP B 59 -13.47 6.54 -16.74
N ILE B 60 -14.01 7.73 -16.44
CA ILE B 60 -13.23 8.76 -15.78
C ILE B 60 -12.80 8.29 -14.40
N ASN B 61 -13.69 7.58 -13.70
CA ASN B 61 -13.35 7.07 -12.38
C ASN B 61 -12.26 6.02 -12.46
N LYS B 62 -12.28 5.18 -13.49
CA LYS B 62 -11.24 4.16 -13.65
C LYS B 62 -9.88 4.80 -13.86
N ALA B 63 -9.82 5.91 -14.61
CA ALA B 63 -8.56 6.60 -14.83
C ALA B 63 -8.12 7.39 -13.61
N ALA B 64 -9.07 7.93 -12.84
CA ALA B 64 -8.72 8.68 -11.64
C ALA B 64 -8.22 7.76 -10.54
N LEU B 65 -8.74 6.54 -10.46
CA LEU B 65 -8.27 5.59 -9.46
C LEU B 65 -6.85 5.12 -9.74
N LYS B 66 -6.34 5.33 -10.95
CA LYS B 66 -4.94 5.02 -11.26
C LYS B 66 -3.99 6.10 -10.75
N GLY B 67 -4.50 7.23 -10.30
CA GLY B 67 -3.66 8.30 -9.79
C GLY B 67 -3.28 9.36 -10.81
N ILE B 68 -3.88 9.34 -11.99
CA ILE B 68 -3.58 10.34 -13.03
C ILE B 68 -4.13 11.68 -12.58
N PRO B 69 -3.29 12.70 -12.38
CA PRO B 69 -3.79 13.98 -11.89
C PRO B 69 -4.82 14.64 -12.79
N GLN B 70 -4.72 14.44 -14.11
CA GLN B 70 -5.72 14.99 -15.01
C GLN B 70 -7.09 14.35 -14.79
N ALA B 71 -7.10 13.03 -14.57
CA ALA B 71 -8.38 12.34 -14.37
C ALA B 71 -8.95 12.63 -12.99
N GLU B 72 -8.09 12.76 -11.97
CA GLU B 72 -8.57 13.11 -10.65
C GLU B 72 -9.22 14.49 -10.63
N HIS B 73 -8.71 15.42 -11.43
CA HIS B 73 -9.31 16.75 -11.48
C HIS B 73 -10.68 16.72 -12.14
N GLU B 74 -10.86 15.87 -13.15
CA GLU B 74 -12.15 15.78 -13.81
C GLU B 74 -13.21 15.14 -12.91
N GLY B 76 -13.27 15.52 -9.68
CA GLY B 76 -13.64 16.62 -8.81
C GLY B 76 -14.59 17.60 -9.49
N SER B 77 -14.36 17.84 -10.79
CA SER B 77 -15.24 18.75 -11.53
C SER B 77 -16.63 18.15 -11.72
N LEU B 78 -16.73 16.82 -11.84
CA LEU B 78 -18.03 16.18 -11.95
C LEU B 78 -18.85 16.39 -10.69
N TYR B 79 -18.22 16.21 -9.52
CA TYR B 79 -18.92 16.44 -8.27
C TYR B 79 -19.20 17.93 -8.06
N LEU B 80 -18.27 18.79 -8.48
CA LEU B 80 -18.44 20.22 -8.30
C LEU B 80 -19.58 20.76 -9.14
N GLY B 82 -21.97 18.70 -10.60
CA GLY B 82 -23.09 17.78 -10.56
C GLY B 82 -23.39 17.14 -11.89
N ILE B 83 -22.35 16.64 -12.57
CA ILE B 83 -22.48 15.99 -13.87
C ILE B 83 -22.25 14.50 -13.67
N GLY B 84 -23.30 13.71 -13.93
CA GLY B 84 -23.26 12.28 -13.72
C GLY B 84 -23.38 11.84 -12.27
N VAL B 85 -23.08 12.73 -11.33
CA VAL B 85 -23.22 12.46 -9.90
C VAL B 85 -23.89 13.67 -9.28
N ALA B 86 -24.47 13.46 -8.09
CA ALA B 86 -25.07 14.57 -7.37
C ALA B 86 -24.00 15.57 -6.94
N GLN B 87 -24.35 16.85 -6.98
CA GLN B 87 -23.39 17.91 -6.70
C GLN B 87 -22.89 17.81 -5.26
N SER B 88 -21.58 17.93 -5.08
CA SER B 88 -20.97 17.80 -3.77
C SER B 88 -19.66 18.59 -3.75
N ASN B 89 -19.58 19.61 -2.90
CA ASN B 89 -18.31 20.31 -2.71
C ASN B 89 -17.33 19.46 -1.92
N VAL B 90 -17.83 18.64 -1.00
CA VAL B 90 -16.95 17.81 -0.19
C VAL B 90 -16.25 16.76 -1.05
N ALA B 92 -15.86 16.96 -4.31
CA ALA B 92 -15.02 17.69 -5.25
C ALA B 92 -13.67 18.02 -4.60
N VAL B 93 -13.68 18.43 -3.33
CA VAL B 93 -12.43 18.74 -2.64
C VAL B 93 -11.60 17.48 -2.48
N ALA B 94 -12.24 16.34 -2.19
CA ALA B 94 -11.50 15.10 -1.99
C ALA B 94 -10.70 14.71 -3.23
N TRP B 95 -11.27 14.93 -4.42
CA TRP B 95 -10.55 14.63 -5.65
C TRP B 95 -9.59 15.74 -6.02
N TYR B 96 -10.00 17.00 -5.83
CA TYR B 96 -9.11 18.11 -6.16
C TYR B 96 -7.85 18.08 -5.32
N ARG B 97 -7.97 17.69 -4.06
CA ARG B 97 -6.83 17.70 -3.13
C ARG B 97 -5.75 16.70 -3.55
N ALA B 99 -5.05 15.64 -6.72
CA ALA B 99 -4.35 16.13 -7.91
C ALA B 99 -3.53 17.37 -7.59
N ALA B 100 -4.05 18.21 -6.68
CA ALA B 100 -3.31 19.42 -6.30
C ALA B 100 -2.04 19.09 -5.53
N ILE B 101 -2.10 18.07 -4.67
CA ILE B 101 -0.91 17.65 -3.93
C ILE B 101 0.11 17.04 -4.88
N GLN B 102 -0.34 16.38 -5.95
CA GLN B 102 0.58 15.88 -6.96
C GLN B 102 1.14 16.98 -7.85
N GLY B 103 0.62 18.20 -7.76
CA GLY B 103 1.16 19.32 -8.50
C GLY B 103 0.38 19.78 -9.70
N TYR B 104 -0.86 19.31 -9.86
CA TYR B 104 -1.67 19.70 -11.01
C TYR B 104 -2.24 21.10 -10.79
N ALA B 105 -1.83 22.04 -11.63
CA ALA B 105 -2.19 23.44 -11.42
C ALA B 105 -3.70 23.70 -11.45
N PRO B 106 -4.49 23.15 -12.37
CA PRO B 106 -5.94 23.40 -12.31
C PRO B 106 -6.59 22.96 -11.01
N SER B 107 -6.10 21.89 -10.39
CA SER B 107 -6.63 21.46 -9.10
C SER B 107 -6.14 22.34 -7.97
N GLN B 108 -4.91 22.87 -8.06
CA GLN B 108 -4.44 23.81 -7.06
C GLN B 108 -5.26 25.09 -7.08
N THR B 109 -5.63 25.56 -8.27
CA THR B 109 -6.50 26.72 -8.37
C THR B 109 -7.88 26.41 -7.80
N ALA B 110 -8.38 25.20 -8.04
CA ALA B 110 -9.70 24.81 -7.52
C ALA B 110 -9.68 24.73 -6.00
N GLY B 112 -7.78 26.52 -4.15
CA GLY B 112 -7.70 27.91 -3.70
C GLY B 112 -9.07 28.54 -3.56
N TYR B 113 -9.96 28.31 -4.53
CA TYR B 113 -11.32 28.84 -4.43
C TYR B 113 -12.12 28.14 -3.34
N ALA B 114 -11.89 26.83 -3.14
CA ALA B 114 -12.62 26.11 -2.10
C ALA B 114 -12.32 26.66 -0.71
N TYR B 115 -11.05 27.01 -0.46
CA TYR B 115 -10.69 27.58 0.84
C TYR B 115 -11.07 29.05 0.95
N GLU B 116 -11.08 29.79 -0.18
CA GLU B 116 -11.36 31.22 -0.10
C GLU B 116 -12.81 31.50 0.25
N GLU B 117 -13.72 30.58 -0.06
CA GLU B 117 -15.14 30.78 0.21
C GLU B 117 -15.74 29.68 1.07
N GLY B 118 -14.96 28.67 1.45
CA GLY B 118 -15.46 27.62 2.32
C GLY B 118 -16.44 26.66 1.66
N ALA B 119 -16.11 26.20 0.46
CA ALA B 119 -16.95 25.26 -0.28
C ALA B 119 -16.34 23.86 -0.13
N GLY B 120 -16.94 23.04 0.73
CA GLY B 120 -16.42 21.72 1.03
C GLY B 120 -15.34 21.69 2.10
N VAL B 121 -14.75 22.83 2.41
CA VAL B 121 -13.74 22.92 3.46
C VAL B 121 -14.06 24.14 4.32
N PRO B 122 -13.50 24.22 5.52
CA PRO B 122 -13.62 25.46 6.30
C PRO B 122 -12.90 26.60 5.62
N GLN B 123 -13.53 27.77 5.63
CA GLN B 123 -12.94 28.94 4.99
C GLN B 123 -11.65 29.33 5.70
N ASP B 124 -10.57 29.47 4.92
CA ASP B 124 -9.26 29.76 5.47
C ASP B 124 -8.44 30.50 4.43
N ALA B 125 -8.08 31.74 4.74
CA ALA B 125 -7.37 32.58 3.76
C ALA B 125 -5.92 32.14 3.59
N ASP B 126 -5.31 31.56 4.63
CA ASP B 126 -3.93 31.10 4.51
C ASP B 126 -3.83 29.92 3.55
N LEU B 127 -4.73 28.95 3.68
CA LEU B 127 -4.71 27.79 2.80
C LEU B 127 -5.16 28.16 1.39
N ALA B 128 -6.04 29.16 1.25
CA ALA B 128 -6.42 29.63 -0.08
C ALA B 128 -5.25 30.29 -0.78
N ARG B 129 -4.53 31.18 -0.07
CA ARG B 129 -3.33 31.79 -0.63
C ARG B 129 -2.25 30.75 -0.89
N TYR B 130 -2.20 29.70 -0.07
CA TYR B 130 -1.25 28.62 -0.28
C TYR B 130 -1.41 27.99 -1.66
N TRP B 131 -2.63 27.53 -1.96
CA TRP B 131 -2.86 26.85 -3.23
C TRP B 131 -2.84 27.79 -4.42
N PHE B 132 -3.28 29.04 -4.23
CA PHE B 132 -3.21 30.02 -5.31
C PHE B 132 -1.76 30.32 -5.68
N ASP B 133 -0.84 30.21 -4.73
CA ASP B 133 0.57 30.49 -4.99
C ASP B 133 1.27 29.34 -5.69
N ALA B 135 -0.14 27.38 -7.84
CA ALA B 135 -0.60 27.44 -9.22
C ALA B 135 0.04 28.60 -9.96
N ALA B 136 0.17 29.74 -9.27
CA ALA B 136 0.77 30.92 -9.89
C ALA B 136 2.26 30.70 -10.16
N ALA B 137 2.96 30.06 -9.24
CA ALA B 137 4.38 29.77 -9.45
C ALA B 137 4.61 28.75 -10.55
N GLN B 138 3.57 28.00 -10.92
CA GLN B 138 3.69 26.99 -11.97
C GLN B 138 3.47 27.60 -13.35
N GLY B 139 2.32 28.22 -13.57
CA GLY B 139 2.02 28.86 -14.84
C GLY B 139 2.33 30.35 -14.84
N ALA C 9 4.38 12.88 22.03
CA ALA C 9 5.67 13.39 21.63
C ALA C 9 5.76 13.51 20.10
N PRO C 10 6.43 14.53 19.62
CA PRO C 10 6.62 14.69 18.18
C PRO C 10 7.77 13.83 17.66
N VAL C 11 7.89 13.80 16.34
CA VAL C 11 8.90 13.02 15.65
C VAL C 11 10.01 13.91 15.10
N ALA C 12 9.68 15.13 14.65
CA ALA C 12 10.66 15.98 13.98
C ALA C 12 11.77 16.42 14.92
N VAL C 13 12.96 16.60 14.34
CA VAL C 13 14.12 17.12 15.05
C VAL C 13 14.71 18.21 14.16
N THR C 14 14.63 19.46 14.60
CA THR C 14 15.05 20.59 13.80
C THR C 14 16.53 20.90 14.01
N SER C 15 17.07 21.75 13.14
CA SER C 15 18.43 22.23 13.30
C SER C 15 18.57 23.20 14.47
N TYR C 16 17.46 23.68 15.04
CA TYR C 16 17.49 24.58 16.18
C TYR C 16 17.28 23.86 17.51
N ALA C 17 17.39 22.54 17.52
CA ALA C 17 17.31 21.80 18.77
C ALA C 17 18.49 22.17 19.67
N GLN C 18 18.22 22.18 20.98
CA GLN C 18 19.17 22.53 22.05
C GLN C 18 19.59 23.99 22.00
N GLN C 19 19.09 24.78 21.06
CA GLN C 19 19.44 26.19 21.01
C GLN C 19 18.64 26.98 22.05
N PRO C 20 19.16 28.11 22.51
CA PRO C 20 18.40 28.93 23.48
C PRO C 20 17.08 29.41 22.89
N LEU C 21 16.08 29.52 23.76
CA LEU C 21 14.74 29.93 23.36
C LEU C 21 14.74 31.29 22.67
N LEU C 23 17.06 32.74 20.83
CA LEU C 23 17.54 32.63 19.45
C LEU C 23 16.44 32.06 18.55
N VAL C 24 15.75 31.03 19.05
CA VAL C 24 14.67 30.42 18.29
C VAL C 24 13.55 31.41 18.07
N GLN C 25 13.23 32.22 19.09
CA GLN C 25 12.19 33.23 18.93
C GLN C 25 12.60 34.32 17.95
N GLU C 26 13.87 34.71 17.96
CA GLU C 26 14.38 35.69 17.01
C GLU C 26 14.27 35.17 15.58
N ALA C 28 12.54 32.64 14.37
CA ALA C 28 11.18 32.35 13.97
C ALA C 28 10.51 33.60 13.44
N SER C 29 10.72 34.73 14.14
CA SER C 29 10.15 36.00 13.69
C SER C 29 10.82 36.48 12.42
N ASP C 30 12.07 36.08 12.17
CA ASP C 30 12.76 36.45 10.95
C ASP C 30 12.25 35.68 9.74
N GLY C 31 11.50 34.60 9.94
CA GLY C 31 10.98 33.81 8.84
C GLY C 31 11.69 32.51 8.59
N ASP C 32 12.62 32.10 9.46
CA ASP C 32 13.29 30.83 9.30
C ASP C 32 12.31 29.69 9.54
N GLY C 33 12.09 28.87 8.51
CA GLY C 33 11.10 27.81 8.61
C GLY C 33 11.47 26.77 9.66
N SER C 34 12.75 26.43 9.76
CA SER C 34 13.18 25.46 10.77
C SER C 34 13.02 26.02 12.18
N ALA C 35 13.20 27.32 12.36
CA ALA C 35 13.01 27.93 13.67
C ALA C 35 11.54 28.07 14.02
N GLU C 36 10.69 28.33 13.03
CA GLU C 36 9.25 28.37 13.29
C GLU C 36 8.74 27.01 13.76
N LEU C 37 9.27 25.93 13.16
CA LEU C 37 8.88 24.60 13.59
C LEU C 37 9.40 24.28 14.98
N GLU C 38 10.66 24.63 15.27
CA GLU C 38 11.22 24.38 16.59
C GLU C 38 10.48 25.16 17.67
N LEU C 39 10.18 26.43 17.42
CA LEU C 39 9.41 27.21 18.39
C LEU C 39 8.02 26.63 18.58
N GLY C 40 7.39 26.18 17.50
CA GLY C 40 6.06 25.59 17.61
C GLY C 40 6.07 24.30 18.40
N LEU C 41 7.10 23.48 18.23
CA LEU C 41 7.19 22.22 18.97
C LEU C 41 7.39 22.48 20.47
N ARG C 42 8.16 23.51 20.81
CA ARG C 42 8.40 23.82 22.21
C ARG C 42 7.14 24.35 22.89
N TYR C 43 6.33 25.13 22.16
CA TYR C 43 5.10 25.66 22.75
C TYR C 43 4.05 24.57 22.95
N VAL C 44 4.02 23.58 22.06
CA VAL C 44 2.99 22.54 22.11
C VAL C 44 3.38 21.41 23.05
N PHE C 45 4.62 20.94 22.97
CA PHE C 45 5.05 19.76 23.73
C PHE C 45 6.05 20.07 24.84
N GLY C 46 6.39 21.35 25.05
CA GLY C 46 7.37 21.70 26.05
C GLY C 46 6.82 21.65 27.47
N SER C 47 7.68 22.02 28.41
CA SER C 47 7.31 22.03 29.82
C SER C 47 6.35 23.19 30.11
N ASP C 48 5.86 23.24 31.35
CA ASP C 48 4.85 24.22 31.71
C ASP C 48 5.38 25.65 31.63
N GLY C 49 6.68 25.84 31.84
CA GLY C 49 7.24 27.19 31.81
C GLY C 49 7.25 27.82 30.44
N VAL C 50 7.15 27.02 29.38
CA VAL C 50 7.18 27.52 28.01
C VAL C 50 5.94 27.13 27.22
N LYS C 51 5.07 26.28 27.76
CA LYS C 51 3.98 25.72 26.98
C LYS C 51 2.94 26.76 26.61
N ASN C 52 2.50 26.71 25.35
CA ASN C 52 1.41 27.56 24.88
C ASN C 52 0.90 26.92 23.58
N VAL C 53 -0.10 26.04 23.71
CA VAL C 53 -0.54 25.23 22.58
C VAL C 53 -1.10 26.07 21.43
N PRO C 54 -2.01 27.03 21.66
CA PRO C 54 -2.53 27.79 20.50
C PRO C 54 -1.45 28.59 19.78
N LEU C 55 -0.48 29.13 20.51
CA LEU C 55 0.63 29.83 19.84
C LEU C 55 1.53 28.84 19.10
N GLY C 56 1.74 27.65 19.66
CA GLY C 56 2.56 26.65 19.01
C GLY C 56 1.95 26.11 17.73
N VAL C 57 0.62 25.97 17.70
CA VAL C 57 -0.04 25.50 16.49
C VAL C 57 0.18 26.47 15.35
N SER C 58 0.11 27.77 15.64
CA SER C 58 0.31 28.77 14.59
C SER C 58 1.75 28.76 14.08
N TRP C 59 2.73 28.49 14.94
CA TRP C 59 4.11 28.42 14.49
C TRP C 59 4.38 27.16 13.68
N ILE C 60 3.83 26.02 14.12
CA ILE C 60 3.96 24.79 13.36
C ILE C 60 3.27 24.93 12.00
N ASN C 61 2.11 25.59 11.98
CA ASN C 61 1.35 25.78 10.75
C ASN C 61 2.11 26.67 9.77
N ALA C 63 5.47 26.93 9.40
CA ALA C 63 6.51 26.13 8.77
C ALA C 63 5.92 25.12 7.81
N ALA C 64 4.72 24.62 8.14
CA ALA C 64 4.07 23.65 7.28
C ALA C 64 3.56 24.28 6.00
N LEU C 65 3.12 25.54 6.06
CA LEU C 65 2.70 26.26 4.86
C LEU C 65 3.85 26.55 3.91
N LYS C 66 5.09 26.41 4.37
CA LYS C 66 6.25 26.53 3.48
C LYS C 66 6.57 25.22 2.77
N GLY C 67 5.92 24.12 3.13
CA GLY C 67 6.16 22.84 2.50
C GLY C 67 7.20 21.96 3.17
N ILE C 68 7.66 22.32 4.36
CA ILE C 68 8.68 21.55 5.07
C ILE C 68 8.06 20.22 5.51
N PRO C 69 8.60 19.08 5.07
CA PRO C 69 7.95 17.79 5.39
C PRO C 69 7.86 17.51 6.87
N GLN C 70 8.88 17.87 7.65
CA GLN C 70 8.81 17.67 9.10
C GLN C 70 7.64 18.43 9.72
N ALA C 71 7.37 19.63 9.21
CA ALA C 71 6.29 20.44 9.75
C ALA C 71 4.93 19.96 9.28
N GLU C 72 4.83 19.55 8.01
CA GLU C 72 3.58 19.00 7.49
C GLU C 72 3.16 17.77 8.27
N HIS C 73 4.12 16.91 8.62
CA HIS C 73 3.81 15.71 9.39
C HIS C 73 3.27 16.06 10.77
N GLU C 74 3.88 17.04 11.44
CA GLU C 74 3.42 17.41 12.78
C GLU C 74 2.03 18.03 12.75
N GLY C 76 -0.25 17.09 10.66
CA GLY C 76 -1.11 15.93 10.54
C GLY C 76 -1.36 15.26 11.88
N SER C 77 -0.32 15.18 12.72
CA SER C 77 -0.47 14.57 14.03
C SER C 77 -1.35 15.41 14.95
N LEU C 78 -1.35 16.74 14.78
CA LEU C 78 -2.20 17.58 15.59
C LEU C 78 -3.68 17.33 15.27
N TYR C 79 -4.01 17.28 13.97
CA TYR C 79 -5.40 17.00 13.59
C TYR C 79 -5.80 15.57 13.93
N LEU C 80 -4.85 14.63 13.86
CA LEU C 80 -5.16 13.24 14.17
C LEU C 80 -5.45 13.04 15.65
N GLY C 82 -6.16 15.78 17.78
CA GLY C 82 -6.95 16.88 18.27
C GLY C 82 -6.20 17.78 19.23
N ILE C 83 -4.89 17.92 19.05
CA ILE C 83 -4.06 18.74 19.93
C ILE C 83 -4.03 20.16 19.37
N GLY C 84 -4.69 21.08 20.06
CA GLY C 84 -4.73 22.47 19.63
C GLY C 84 -5.66 22.75 18.46
N VAL C 85 -6.18 21.72 17.80
CA VAL C 85 -7.13 21.88 16.71
C VAL C 85 -8.23 20.84 16.89
N ALA C 86 -9.35 21.06 16.20
CA ALA C 86 -10.43 20.09 16.20
C ALA C 86 -9.97 18.81 15.51
N GLN C 87 -10.20 17.68 16.16
CA GLN C 87 -9.75 16.40 15.61
C GLN C 87 -10.39 16.15 14.25
N SER C 88 -9.57 15.69 13.30
CA SER C 88 -10.06 15.48 11.93
C SER C 88 -9.15 14.47 11.24
N ASN C 89 -9.67 13.25 11.03
CA ASN C 89 -8.91 12.26 10.27
C ASN C 89 -8.66 12.73 8.85
N VAL C 90 -9.64 13.43 8.26
CA VAL C 90 -9.50 13.90 6.89
C VAL C 90 -8.39 14.94 6.79
N ALA C 92 -5.97 15.36 8.86
CA ALA C 92 -4.70 14.72 9.20
C ALA C 92 -4.07 14.06 7.97
N VAL C 93 -4.88 13.36 7.17
CA VAL C 93 -4.37 12.76 5.94
C VAL C 93 -3.96 13.84 4.95
N ALA C 94 -4.67 14.98 4.93
CA ALA C 94 -4.32 16.06 4.01
C ALA C 94 -2.90 16.56 4.27
N TRP C 95 -2.49 16.65 5.54
CA TRP C 95 -1.14 17.08 5.86
C TRP C 95 -0.14 15.93 5.73
N TYR C 96 -0.55 14.71 6.09
CA TYR C 96 0.34 13.56 5.94
C TYR C 96 0.69 13.32 4.48
N ARG C 97 -0.30 13.43 3.60
CA ARG C 97 -0.10 13.13 2.18
C ARG C 97 0.90 14.11 1.54
N ALA C 99 3.48 15.47 3.02
CA ALA C 99 4.82 15.09 3.44
C ALA C 99 5.20 13.72 2.92
N ALA C 100 4.22 12.81 2.87
CA ALA C 100 4.49 11.46 2.41
C ALA C 100 4.88 11.44 0.95
N ILE C 101 4.25 12.31 0.14
CA ILE C 101 4.57 12.35 -1.29
C ILE C 101 5.93 12.98 -1.54
N GLN C 102 6.49 13.70 -0.58
CA GLN C 102 7.83 14.24 -0.68
C GLN C 102 8.89 13.25 -0.24
N GLY C 103 8.50 12.07 0.22
CA GLY C 103 9.45 11.06 0.65
C GLY C 103 9.72 10.99 2.14
N TYR C 104 8.93 11.68 2.96
CA TYR C 104 9.11 11.67 4.40
C TYR C 104 8.55 10.38 4.96
N ALA C 105 9.42 9.53 5.49
CA ALA C 105 9.01 8.19 5.90
C ALA C 105 7.97 8.16 7.02
N PRO C 106 8.07 8.96 8.09
CA PRO C 106 7.02 8.90 9.13
C PRO C 106 5.63 9.21 8.61
N SER C 107 5.50 10.10 7.62
CA SER C 107 4.19 10.38 7.04
C SER C 107 3.72 9.23 6.14
N GLN C 108 4.66 8.56 5.45
CA GLN C 108 4.29 7.41 4.64
C GLN C 108 3.76 6.28 5.51
N THR C 109 4.35 6.08 6.69
CA THR C 109 3.82 5.11 7.62
C THR C 109 2.43 5.52 8.12
N ALA C 110 2.26 6.82 8.41
CA ALA C 110 0.96 7.30 8.85
C ALA C 110 -0.10 7.10 7.78
N GLY C 112 -0.17 4.71 5.70
CA GLY C 112 -0.51 3.31 5.72
C GLY C 112 -1.56 2.97 6.75
N TYR C 113 -1.38 3.48 7.98
CA TYR C 113 -2.38 3.25 9.02
C TYR C 113 -3.72 3.89 8.68
N ALA C 114 -3.70 5.01 7.94
CA ALA C 114 -4.95 5.66 7.57
C ALA C 114 -5.76 4.79 6.60
N TYR C 115 -5.09 4.19 5.61
CA TYR C 115 -5.80 3.34 4.66
C TYR C 115 -6.21 2.01 5.28
N GLU C 116 -5.42 1.48 6.20
CA GLU C 116 -5.79 0.23 6.86
C GLU C 116 -7.05 0.41 7.70
N GLU C 117 -7.14 1.50 8.46
CA GLU C 117 -8.29 1.71 9.32
C GLU C 117 -9.44 2.39 8.57
N GLY C 118 -9.14 3.13 7.52
CA GLY C 118 -10.15 3.93 6.85
C GLY C 118 -10.38 5.27 7.50
N ALA C 119 -9.35 5.85 8.11
CA ALA C 119 -9.46 7.13 8.81
C ALA C 119 -9.06 8.25 7.86
N GLY C 120 -10.03 9.08 7.47
CA GLY C 120 -9.80 10.14 6.52
C GLY C 120 -9.71 9.70 5.08
N VAL C 121 -9.70 8.40 4.82
CA VAL C 121 -9.64 7.84 3.46
C VAL C 121 -10.50 6.59 3.42
N PRO C 122 -10.93 6.19 2.22
CA PRO C 122 -11.59 4.88 2.10
C PRO C 122 -10.65 3.76 2.51
N GLN C 123 -11.15 2.86 3.35
CA GLN C 123 -10.36 1.74 3.81
C GLN C 123 -9.87 0.92 2.63
N ASP C 124 -8.57 0.63 2.60
CA ASP C 124 -7.97 -0.09 1.48
C ASP C 124 -6.68 -0.73 1.96
N ALA C 125 -6.67 -2.06 2.07
CA ALA C 125 -5.49 -2.76 2.57
C ALA C 125 -4.33 -2.67 1.58
N ASP C 126 -4.62 -2.73 0.28
CA ASP C 126 -3.56 -2.66 -0.72
C ASP C 126 -2.91 -1.29 -0.76
N LEU C 127 -3.70 -0.22 -0.64
CA LEU C 127 -3.13 1.11 -0.56
C LEU C 127 -2.40 1.33 0.75
N ALA C 128 -2.86 0.67 1.83
CA ALA C 128 -2.11 0.70 3.07
C ALA C 128 -0.74 0.09 2.91
N ARG C 129 -0.66 -1.03 2.18
CA ARG C 129 0.63 -1.67 1.92
C ARG C 129 1.51 -0.79 1.04
N TYR C 130 0.92 -0.08 0.08
CA TYR C 130 1.70 0.79 -0.80
C TYR C 130 2.47 1.83 0.01
N TRP C 131 1.79 2.49 0.95
CA TRP C 131 2.46 3.49 1.78
C TRP C 131 3.35 2.86 2.84
N PHE C 132 2.94 1.71 3.39
CA PHE C 132 3.80 1.00 4.34
C PHE C 132 5.11 0.60 3.68
N ASP C 133 5.05 0.07 2.46
CA ASP C 133 6.23 -0.44 1.78
C ASP C 133 7.15 0.68 1.32
N ALA C 135 7.72 3.44 3.12
CA ALA C 135 8.49 3.76 4.31
C ALA C 135 9.55 2.70 4.59
N ALA C 136 9.20 1.44 4.34
CA ALA C 136 10.14 0.35 4.56
C ALA C 136 11.27 0.36 3.55
N ALA C 137 11.01 0.85 2.33
CA ALA C 137 12.06 0.89 1.31
C ALA C 137 13.18 1.85 1.69
N GLN C 138 12.87 2.90 2.44
CA GLN C 138 13.88 3.86 2.86
C GLN C 138 14.76 3.34 3.99
N GLY C 139 14.33 2.31 4.71
CA GLY C 139 15.10 1.76 5.79
C GLY C 139 16.31 0.97 5.33
N ALA D 8 0.18 -12.03 24.89
CA ALA D 8 0.77 -13.31 25.27
C ALA D 8 2.29 -13.20 25.37
N ALA D 9 2.98 -14.20 24.81
CA ALA D 9 4.42 -14.29 24.87
C ALA D 9 4.93 -14.82 23.54
N PRO D 10 6.19 -14.57 23.20
CA PRO D 10 6.73 -15.08 21.93
C PRO D 10 6.76 -16.61 21.92
N VAL D 11 6.54 -17.17 20.73
CA VAL D 11 6.56 -18.61 20.54
C VAL D 11 7.92 -19.12 20.05
N ALA D 12 8.83 -18.23 19.70
CA ALA D 12 10.13 -18.64 19.20
C ALA D 12 11.06 -19.03 20.34
N VAL D 13 11.79 -20.12 20.13
CA VAL D 13 12.78 -20.62 21.09
C VAL D 13 14.09 -20.82 20.33
N THR D 14 15.07 -19.96 20.59
CA THR D 14 16.34 -20.03 19.90
C THR D 14 17.32 -20.90 20.69
N SER D 15 18.51 -21.09 20.14
CA SER D 15 19.55 -21.85 20.83
C SER D 15 20.23 -21.06 21.93
N TYR D 16 19.91 -19.77 22.08
CA TYR D 16 20.47 -18.92 23.12
C TYR D 16 19.45 -18.58 24.20
N ALA D 17 18.49 -19.49 24.43
CA ALA D 17 17.39 -19.18 25.34
C ALA D 17 17.86 -19.09 26.79
N GLN D 18 18.91 -19.81 27.17
CA GLN D 18 19.39 -19.86 28.54
C GLN D 18 20.82 -19.39 28.69
N GLN D 19 21.36 -18.73 27.67
CA GLN D 19 22.72 -18.22 27.74
C GLN D 19 22.74 -16.88 28.46
N PRO D 20 23.88 -16.51 29.06
CA PRO D 20 23.99 -15.20 29.69
C PRO D 20 23.79 -14.08 28.67
N LEU D 21 23.35 -12.92 29.17
CA LEU D 21 23.05 -11.79 28.29
C LEU D 21 24.30 -11.33 27.55
N LYS D 22 25.46 -11.35 28.22
CA LYS D 22 26.69 -10.89 27.59
C LYS D 22 27.06 -11.78 26.40
N LEU D 23 26.82 -13.09 26.52
CA LEU D 23 27.13 -13.99 25.41
C LEU D 23 26.21 -13.74 24.23
N VAL D 24 24.92 -13.52 24.48
CA VAL D 24 23.99 -13.26 23.39
C VAL D 24 24.29 -11.92 22.72
N GLN D 25 24.66 -10.91 23.51
CA GLN D 25 24.98 -9.60 22.96
C GLN D 25 26.22 -9.66 22.07
N GLU D 26 27.19 -10.52 22.40
CA GLU D 26 28.40 -10.62 21.59
C GLU D 26 28.11 -11.29 20.25
N LYS D 27 27.38 -12.41 20.28
CA LYS D 27 27.04 -13.08 19.03
C LYS D 27 26.07 -12.27 18.19
N ALA D 28 25.24 -11.42 18.83
CA ALA D 28 24.32 -10.59 18.07
C ALA D 28 25.06 -9.54 17.26
N SER D 29 26.14 -8.98 17.82
CA SER D 29 26.95 -8.02 17.09
C SER D 29 27.86 -8.68 16.06
N ASP D 30 27.96 -10.00 16.06
CA ASP D 30 28.76 -10.73 15.08
C ASP D 30 27.93 -11.23 13.90
N GLY D 31 26.65 -10.87 13.83
CA GLY D 31 25.82 -11.26 12.72
C GLY D 31 25.10 -12.58 12.87
N ASP D 32 25.08 -13.16 14.08
CA ASP D 32 24.36 -14.41 14.29
C ASP D 32 22.86 -14.16 14.27
N GLY D 33 22.15 -14.82 13.36
CA GLY D 33 20.73 -14.57 13.21
C GLY D 33 19.93 -14.99 14.43
N SER D 34 20.25 -16.16 15.00
CA SER D 34 19.53 -16.62 16.18
C SER D 34 19.83 -15.76 17.39
N ALA D 35 21.04 -15.20 17.48
CA ALA D 35 21.38 -14.35 18.62
C ALA D 35 20.69 -12.99 18.51
N GLU D 36 20.57 -12.46 17.29
CA GLU D 36 19.85 -11.21 17.10
C GLU D 36 18.38 -11.36 17.47
N LEU D 37 17.78 -12.49 17.14
CA LEU D 37 16.40 -12.73 17.52
C LEU D 37 16.26 -12.93 19.02
N GLU D 38 17.16 -13.72 19.62
CA GLU D 38 17.11 -13.93 21.06
C GLU D 38 17.31 -12.62 21.83
N LEU D 39 18.27 -11.80 21.38
CA LEU D 39 18.48 -10.51 22.04
C LEU D 39 17.27 -9.60 21.91
N GLY D 40 16.61 -9.65 20.76
CA GLY D 40 15.40 -8.85 20.59
C GLY D 40 14.26 -9.32 21.46
N LEU D 41 14.11 -10.65 21.61
CA LEU D 41 13.06 -11.18 22.47
C LEU D 41 13.30 -10.82 23.93
N ARG D 42 14.56 -10.71 24.35
CA ARG D 42 14.84 -10.34 25.73
C ARG D 42 14.56 -8.86 25.97
N TYR D 43 14.92 -7.99 25.02
CA TYR D 43 14.68 -6.57 25.20
C TYR D 43 13.20 -6.21 25.17
N VAL D 44 12.38 -7.03 24.53
CA VAL D 44 10.95 -6.74 24.41
C VAL D 44 10.13 -7.45 25.49
N PHE D 45 10.42 -8.73 25.74
CA PHE D 45 9.60 -9.54 26.65
C PHE D 45 10.35 -9.94 27.92
N GLY D 46 11.54 -9.42 28.15
CA GLY D 46 12.33 -9.81 29.30
C GLY D 46 11.94 -9.07 30.57
N SER D 47 12.79 -9.24 31.59
CA SER D 47 12.55 -8.61 32.87
C SER D 47 12.80 -7.11 32.80
N ASP D 48 12.42 -6.41 33.87
CA ASP D 48 12.53 -4.96 33.88
C ASP D 48 13.99 -4.49 33.86
N GLY D 49 14.90 -5.33 34.35
CA GLY D 49 16.31 -4.96 34.32
C GLY D 49 16.93 -4.96 32.94
N VAL D 50 16.32 -5.68 31.99
CA VAL D 50 16.84 -5.77 30.63
C VAL D 50 15.87 -5.23 29.60
N LYS D 51 14.63 -4.89 29.98
CA LYS D 51 13.62 -4.50 29.01
C LYS D 51 14.01 -3.20 28.30
N ASN D 52 13.97 -3.25 26.96
CA ASN D 52 14.20 -2.07 26.12
C ASN D 52 13.45 -2.33 24.82
N VAL D 53 12.16 -1.97 24.82
CA VAL D 53 11.28 -2.36 23.72
C VAL D 53 11.71 -1.77 22.38
N PRO D 54 11.98 -0.46 22.25
CA PRO D 54 12.40 0.05 20.94
C PRO D 54 13.67 -0.60 20.41
N LEU D 55 14.66 -0.82 21.29
CA LEU D 55 15.89 -1.49 20.85
C LEU D 55 15.63 -2.95 20.51
N GLY D 56 14.70 -3.60 21.20
CA GLY D 56 14.41 -4.99 20.91
C GLY D 56 13.70 -5.19 19.58
N VAL D 57 12.78 -4.29 19.24
CA VAL D 57 12.12 -4.35 17.93
C VAL D 57 13.15 -4.20 16.83
N SER D 58 14.17 -3.37 17.04
CA SER D 58 15.22 -3.20 16.05
C SER D 58 16.01 -4.48 15.85
N TRP D 59 16.32 -5.19 16.94
CA TRP D 59 17.07 -6.44 16.82
C TRP D 59 16.21 -7.54 16.21
N ILE D 60 14.93 -7.58 16.54
CA ILE D 60 14.04 -8.57 15.92
C ILE D 60 13.88 -8.28 14.43
N ASN D 61 13.75 -7.01 14.07
CA ASN D 61 13.63 -6.61 12.67
C ASN D 61 14.88 -7.01 11.89
N ALA D 63 16.90 -9.69 12.46
CA ALA D 63 16.86 -11.12 12.21
C ALA D 63 15.75 -11.47 11.23
N ALA D 64 14.67 -10.68 11.26
CA ALA D 64 13.55 -10.92 10.35
C ALA D 64 13.92 -10.58 8.91
N LEU D 65 14.70 -9.53 8.71
CA LEU D 65 15.11 -9.15 7.36
C LEU D 65 16.13 -10.10 6.77
N LYS D 66 16.59 -11.10 7.52
CA LYS D 66 17.47 -12.13 6.99
C LYS D 66 16.71 -13.34 6.46
N GLY D 67 15.38 -13.36 6.58
CA GLY D 67 14.58 -14.46 6.08
C GLY D 67 14.32 -15.57 7.08
N ILE D 68 14.76 -15.42 8.32
CA ILE D 68 14.55 -16.44 9.35
C ILE D 68 13.06 -16.51 9.67
N PRO D 69 12.41 -17.66 9.47
CA PRO D 69 10.96 -17.75 9.70
C PRO D 69 10.55 -17.45 11.13
N GLN D 70 11.36 -17.85 12.11
CA GLN D 70 11.02 -17.56 13.51
C GLN D 70 10.99 -16.06 13.77
N ALA D 71 11.96 -15.32 13.21
CA ALA D 71 12.00 -13.89 13.44
C ALA D 71 10.89 -13.16 12.66
N GLU D 72 10.58 -13.66 11.46
CA GLU D 72 9.48 -13.07 10.69
C GLU D 72 8.15 -13.23 11.41
N HIS D 73 7.95 -14.37 12.09
CA HIS D 73 6.71 -14.59 12.81
C HIS D 73 6.60 -13.65 14.01
N GLU D 74 7.69 -13.51 14.78
CA GLU D 74 7.66 -12.61 15.93
C GLU D 74 7.47 -11.16 15.50
N GLY D 76 5.69 -10.24 12.91
CA GLY D 76 4.26 -10.17 12.67
C GLY D 76 3.44 -10.13 13.94
N SER D 77 3.91 -10.82 15.00
CA SER D 77 3.20 -10.77 16.27
C SER D 77 3.31 -9.41 16.93
N LEU D 78 4.39 -8.68 16.67
CA LEU D 78 4.52 -7.33 17.22
C LEU D 78 3.46 -6.40 16.63
N TYR D 79 3.23 -6.49 15.32
CA TYR D 79 2.18 -5.69 14.70
C TYR D 79 0.79 -6.18 15.09
N LEU D 80 0.63 -7.50 15.27
CA LEU D 80 -0.67 -8.04 15.64
C LEU D 80 -1.08 -7.63 17.04
N GLY D 82 0.49 -5.08 18.74
CA GLY D 82 0.84 -3.69 18.98
C GLY D 82 1.93 -3.49 20.01
N ILE D 83 2.98 -4.30 19.98
CA ILE D 83 4.07 -4.23 20.95
C ILE D 83 5.25 -3.56 20.25
N GLY D 84 5.65 -2.39 20.75
CA GLY D 84 6.71 -1.61 20.14
C GLY D 84 6.32 -0.91 18.84
N VAL D 85 5.23 -1.32 18.20
CA VAL D 85 4.74 -0.68 16.99
C VAL D 85 3.23 -0.50 17.14
N ALA D 86 2.67 0.41 16.35
CA ALA D 86 1.21 0.58 16.35
C ALA D 86 0.56 -0.67 15.76
N GLN D 87 -0.57 -1.06 16.37
CA GLN D 87 -1.23 -2.30 15.98
C GLN D 87 -1.68 -2.24 14.52
N SER D 88 -1.42 -3.32 13.79
CA SER D 88 -1.75 -3.37 12.36
C SER D 88 -1.94 -4.82 11.96
N ASN D 89 -3.16 -5.18 11.56
CA ASN D 89 -3.39 -6.51 11.02
C ASN D 89 -2.76 -6.65 9.63
N VAL D 90 -2.69 -5.56 8.87
CA VAL D 90 -2.13 -5.61 7.54
C VAL D 90 -0.63 -5.92 7.59
N ALA D 92 0.91 -7.22 10.11
CA ALA D 92 1.04 -8.56 10.69
C ALA D 92 0.92 -9.63 9.61
N VAL D 93 -0.03 -9.47 8.69
CA VAL D 93 -0.18 -10.42 7.60
C VAL D 93 1.04 -10.38 6.68
N ALA D 94 1.61 -9.19 6.47
CA ALA D 94 2.77 -9.06 5.59
C ALA D 94 3.94 -9.90 6.09
N TRP D 95 4.16 -9.95 7.40
CA TRP D 95 5.24 -10.76 7.95
C TRP D 95 4.82 -12.21 8.12
N TYR D 96 3.57 -12.44 8.55
CA TYR D 96 3.09 -13.81 8.71
C TYR D 96 3.12 -14.57 7.40
N ARG D 97 2.67 -13.94 6.31
CA ARG D 97 2.59 -14.58 5.01
C ARG D 97 3.97 -15.01 4.52
N ALA D 99 6.65 -15.88 6.43
CA ALA D 99 7.13 -17.03 7.18
C ALA D 99 6.27 -18.26 6.92
N ALA D 100 4.98 -18.04 6.64
CA ALA D 100 4.07 -19.15 6.36
C ALA D 100 4.42 -19.82 5.04
N ILE D 101 4.83 -19.04 4.04
CA ILE D 101 5.19 -19.61 2.75
C ILE D 101 6.49 -20.39 2.85
N GLN D 102 7.39 -19.99 3.75
CA GLN D 102 8.60 -20.77 3.98
C GLN D 102 8.32 -22.07 4.72
N GLY D 103 7.16 -22.20 5.34
CA GLY D 103 6.77 -23.42 6.01
C GLY D 103 6.71 -23.36 7.53
N TYR D 104 6.71 -22.18 8.13
CA TYR D 104 6.68 -22.04 9.59
C TYR D 104 5.25 -22.26 10.07
N ALA D 105 5.03 -23.32 10.85
CA ALA D 105 3.69 -23.69 11.25
C ALA D 105 2.97 -22.63 12.08
N PRO D 106 3.59 -21.97 13.07
CA PRO D 106 2.84 -20.92 13.79
C PRO D 106 2.38 -19.78 12.92
N SER D 107 3.13 -19.45 11.87
CA SER D 107 2.68 -18.41 10.94
C SER D 107 1.57 -18.91 10.03
N GLN D 108 1.58 -20.21 9.69
CA GLN D 108 0.49 -20.76 8.89
C GLN D 108 -0.82 -20.75 9.65
N THR D 109 -0.78 -21.03 10.96
CA THR D 109 -1.99 -20.93 11.77
C THR D 109 -2.46 -19.49 11.87
N ALA D 110 -1.53 -18.54 11.99
CA ALA D 110 -1.91 -17.14 12.07
C ALA D 110 -2.55 -16.65 10.76
N GLY D 112 -4.21 -18.59 8.78
CA GLY D 112 -5.52 -19.20 8.77
C GLY D 112 -6.54 -18.40 9.56
N TYR D 113 -6.15 -17.95 10.76
CA TYR D 113 -7.04 -17.09 11.55
C TYR D 113 -7.26 -15.75 10.87
N ALA D 114 -6.25 -15.26 10.13
CA ALA D 114 -6.40 -13.98 9.44
C ALA D 114 -7.45 -14.07 8.33
N TYR D 115 -7.45 -15.16 7.58
CA TYR D 115 -8.46 -15.35 6.53
C TYR D 115 -9.81 -15.76 7.11
N GLU D 116 -9.82 -16.50 8.21
CA GLU D 116 -11.09 -16.90 8.82
C GLU D 116 -11.86 -15.70 9.34
N GLU D 117 -11.16 -14.79 10.04
N GLU D 117 -11.16 -14.79 10.05
CA GLU D 117 -11.81 -13.60 10.57
CA GLU D 117 -11.79 -13.60 10.58
C GLU D 117 -11.80 -12.42 9.61
C GLU D 117 -11.82 -12.44 9.60
N GLY D 118 -10.91 -12.42 8.63
CA GLY D 118 -10.82 -11.31 7.71
C GLY D 118 -10.05 -10.12 8.23
N ALA D 119 -9.05 -10.36 9.08
CA ALA D 119 -8.25 -9.30 9.68
C ALA D 119 -6.97 -9.12 8.87
N GLY D 120 -6.85 -7.96 8.22
CA GLY D 120 -5.71 -7.69 7.35
C GLY D 120 -5.83 -8.26 5.96
N VAL D 121 -6.76 -9.19 5.73
CA VAL D 121 -7.00 -9.78 4.42
C VAL D 121 -8.50 -9.93 4.22
N PRO D 122 -8.94 -10.03 2.97
CA PRO D 122 -10.35 -10.35 2.72
C PRO D 122 -10.70 -11.70 3.30
N GLN D 123 -11.87 -11.78 3.92
CA GLN D 123 -12.33 -13.03 4.51
C GLN D 123 -12.53 -14.09 3.44
N ASP D 124 -11.82 -15.21 3.57
CA ASP D 124 -11.86 -16.28 2.58
C ASP D 124 -11.76 -17.61 3.32
N ALA D 125 -12.79 -18.46 3.17
CA ALA D 125 -12.79 -19.74 3.85
C ALA D 125 -11.83 -20.73 3.21
N ASP D 126 -11.65 -20.65 1.88
CA ASP D 126 -10.73 -21.56 1.21
C ASP D 126 -9.29 -21.30 1.63
N LEU D 127 -8.87 -20.03 1.61
CA LEU D 127 -7.51 -19.71 2.02
C LEU D 127 -7.31 -19.94 3.52
N ALA D 128 -8.37 -19.81 4.31
CA ALA D 128 -8.26 -20.14 5.73
C ALA D 128 -8.04 -21.63 5.93
N ARG D 129 -8.85 -22.46 5.27
CA ARG D 129 -8.65 -23.91 5.34
C ARG D 129 -7.33 -24.31 4.69
N TYR D 130 -6.88 -23.54 3.69
CA TYR D 130 -5.59 -23.83 3.06
C TYR D 130 -4.46 -23.78 4.07
N TRP D 131 -4.41 -22.72 4.88
CA TRP D 131 -3.32 -22.55 5.82
C TRP D 131 -3.49 -23.43 7.06
N PHE D 132 -4.73 -23.67 7.49
CA PHE D 132 -4.94 -24.57 8.62
C PHE D 132 -4.50 -25.99 8.31
N ASP D 133 -4.79 -26.46 7.09
CA ASP D 133 -4.38 -27.80 6.69
C ASP D 133 -2.87 -27.90 6.53
N ALA D 135 -0.66 -26.24 8.31
CA ALA D 135 -0.07 -26.29 9.65
C ALA D 135 -0.37 -27.62 10.33
N ALA D 136 -1.57 -28.17 10.06
CA ALA D 136 -1.94 -29.46 10.63
C ALA D 136 -1.12 -30.61 10.07
N ALA D 137 -0.56 -30.46 8.87
CA ALA D 137 0.27 -31.51 8.28
C ALA D 137 1.63 -31.63 8.95
N GLN D 138 1.99 -30.70 9.83
CA GLN D 138 3.27 -30.76 10.52
C GLN D 138 3.17 -31.27 11.95
N GLY D 139 2.01 -31.14 12.58
CA GLY D 139 1.83 -31.59 13.95
C GLY D 139 1.87 -33.10 14.10
#